data_6YUU
#
_entry.id   6YUU
#
_cell.length_a   95.524
_cell.length_b   95.524
_cell.length_c   128.369
_cell.angle_alpha   90.00
_cell.angle_beta   90.00
_cell.angle_gamma   120.00
#
_symmetry.space_group_name_H-M   'P 64 2 2'
#
loop_
_entity.id
_entity.type
_entity.pdbx_description
1 polymer 'Enoyl-[acyl-carrier-protein] reductase [NADH]'
2 non-polymer NICOTINAMIDE-ADENINE-DINUCLEOTIDE
3 non-polymer 6-[4-(4-hexyl-2-oxidanyl-phenoxy)phenoxy]pyridin-2-ol
4 non-polymer 'CHLORIDE ION'
5 non-polymer 'SODIUM ION'
6 water water
#
_entity_poly.entity_id   1
_entity_poly.type   'polypeptide(L)'
_entity_poly.pdbx_seq_one_letter_code
;MGSSHHHHHHSSGLVPRGSHMTGLLDGKRILVSGIITDSSIAFHIARVAQEQGAQLVLTGFDRLRLIQRITDRLPAKAPL
LELDVQNEEHLASLAGRVTEAIGAGNKLDGVVHSIGFMPQTGMGINPFFDAPYADVSKGIHISAYSYASMAKALLPIMNP
GGSIVGMDFDPSRAMPAYNWMTVAKSALESVNRFVAREAGKYGVRSNLVAAGPIRTLAMSAIVGGALGEEAGAQIQLLEE
GWDQRAPIGWNMKDATPVAKTVCALLSDWLPATTGDIIYADGGAHTQLL
;
_entity_poly.pdbx_strand_id   A
#
# COMPACT_ATOMS: atom_id res chain seq x y z
N THR A 22 17.88 -13.61 -13.39
CA THR A 22 18.56 -12.26 -13.32
C THR A 22 17.63 -11.26 -12.60
N GLY A 23 16.32 -11.29 -12.91
CA GLY A 23 15.37 -10.48 -12.19
C GLY A 23 14.94 -11.17 -10.90
N LEU A 24 14.85 -10.39 -9.84
CA LEU A 24 14.39 -10.78 -8.49
C LEU A 24 13.04 -11.49 -8.56
N LEU A 25 12.15 -11.06 -9.44
CA LEU A 25 10.80 -11.60 -9.48
C LEU A 25 10.55 -12.35 -10.80
N ASP A 26 11.61 -12.88 -11.41
CA ASP A 26 11.49 -13.59 -12.68
CA ASP A 26 11.43 -13.53 -12.68
C ASP A 26 10.41 -14.65 -12.54
N GLY A 27 9.43 -14.68 -13.44
CA GLY A 27 8.48 -15.77 -13.44
C GLY A 27 7.30 -15.54 -12.51
N LYS A 28 7.29 -14.49 -11.72
CA LYS A 28 6.23 -14.35 -10.72
C LYS A 28 5.07 -13.55 -11.33
N ARG A 29 3.87 -13.91 -10.93
CA ARG A 29 2.64 -13.18 -11.29
C ARG A 29 2.16 -12.42 -10.06
N ILE A 30 2.00 -11.11 -10.21
CA ILE A 30 1.78 -10.26 -9.09
C ILE A 30 0.66 -9.27 -9.42
N LEU A 31 -0.31 -9.19 -8.51
CA LEU A 31 -1.36 -8.22 -8.59
C LEU A 31 -0.91 -6.96 -7.83
N VAL A 32 -1.12 -5.81 -8.45
CA VAL A 32 -0.78 -4.53 -7.85
C VAL A 32 -1.96 -3.57 -7.90
N SER A 33 -2.47 -3.23 -6.72
CA SER A 33 -3.58 -2.30 -6.56
C SER A 33 -2.97 -0.92 -6.29
N GLY A 34 -3.76 0.15 -6.47
CA GLY A 34 -3.47 1.45 -5.91
C GLY A 34 -2.76 2.43 -6.82
N ILE A 35 -2.62 2.16 -8.13
CA ILE A 35 -2.12 3.13 -9.04
C ILE A 35 -3.22 4.18 -9.28
N ILE A 36 -2.89 5.42 -8.97
CA ILE A 36 -3.75 6.54 -9.39
C ILE A 36 -2.96 7.57 -10.22
N THR A 37 -1.70 7.86 -9.91
CA THR A 37 -0.87 8.82 -10.73
C THR A 37 0.51 8.18 -10.88
N ASP A 38 1.34 8.81 -11.70
CA ASP A 38 2.71 8.34 -11.90
C ASP A 38 3.53 8.39 -10.58
N SER A 39 3.07 9.19 -9.60
CA SER A 39 3.74 9.33 -8.31
C SER A 39 3.30 8.28 -7.30
N SER A 40 2.19 7.57 -7.54
CA SER A 40 1.67 6.53 -6.66
C SER A 40 2.81 5.58 -6.21
N ILE A 41 2.90 5.28 -4.93
CA ILE A 41 3.84 4.18 -4.52
C ILE A 41 3.60 2.92 -5.38
N ALA A 42 2.36 2.59 -5.65
CA ALA A 42 2.01 1.42 -6.49
C ALA A 42 2.62 1.50 -7.89
N PHE A 43 2.68 2.69 -8.48
CA PHE A 43 3.25 2.84 -9.81
C PHE A 43 4.70 2.37 -9.80
N HIS A 44 5.44 2.83 -8.81
CA HIS A 44 6.85 2.51 -8.68
C HIS A 44 7.03 1.04 -8.30
N ILE A 45 6.17 0.51 -7.46
CA ILE A 45 6.21 -0.94 -7.17
C ILE A 45 6.04 -1.75 -8.47
N ALA A 46 5.01 -1.39 -9.24
CA ALA A 46 4.73 -2.03 -10.52
C ALA A 46 5.93 -1.88 -11.47
N ARG A 47 6.49 -0.67 -11.55
CA ARG A 47 7.63 -0.43 -12.41
C ARG A 47 8.81 -1.32 -11.99
N VAL A 48 9.18 -1.32 -10.70
CA VAL A 48 10.39 -2.08 -10.31
C VAL A 48 10.12 -3.59 -10.48
N ALA A 49 8.89 -3.99 -10.19
CA ALA A 49 8.52 -5.39 -10.33
C ALA A 49 8.68 -5.83 -11.78
N GLN A 50 8.17 -5.03 -12.70
CA GLN A 50 8.30 -5.36 -14.10
C GLN A 50 9.78 -5.36 -14.45
N GLU A 51 10.53 -4.34 -14.00
CA GLU A 51 11.94 -4.31 -14.28
C GLU A 51 12.61 -5.61 -13.81
N GLN A 52 12.06 -6.23 -12.78
CA GLN A 52 12.68 -7.39 -12.15
C GLN A 52 12.02 -8.68 -12.64
N GLY A 53 11.27 -8.63 -13.71
CA GLY A 53 10.84 -9.83 -14.46
C GLY A 53 9.45 -10.35 -14.09
N ALA A 54 8.68 -9.66 -13.23
CA ALA A 54 7.33 -10.10 -12.89
C ALA A 54 6.35 -9.82 -14.05
N GLN A 55 5.27 -10.58 -14.05
CA GLN A 55 4.08 -10.42 -14.92
CA GLN A 55 4.14 -10.29 -14.94
C GLN A 55 2.96 -9.84 -14.05
N LEU A 56 2.47 -8.64 -14.36
CA LEU A 56 1.51 -7.96 -13.46
C LEU A 56 0.07 -8.07 -13.97
N VAL A 57 -0.81 -8.07 -12.98
CA VAL A 57 -2.20 -7.71 -13.13
C VAL A 57 -2.42 -6.48 -12.22
N LEU A 58 -3.06 -5.42 -12.74
CA LEU A 58 -3.25 -4.16 -12.04
C LEU A 58 -4.72 -3.99 -11.68
N THR A 59 -5.02 -3.39 -10.54
CA THR A 59 -6.41 -3.02 -10.21
C THR A 59 -6.44 -1.50 -9.97
N GLY A 60 -7.54 -0.92 -10.37
CA GLY A 60 -7.78 0.48 -10.17
C GLY A 60 -9.22 0.75 -9.74
N PHE A 61 -9.38 1.90 -9.06
CA PHE A 61 -10.60 2.33 -8.48
C PHE A 61 -11.11 3.59 -9.20
N ASP A 62 -12.33 3.46 -9.68
CA ASP A 62 -13.13 4.58 -10.09
C ASP A 62 -12.69 5.27 -11.36
N ARG A 63 -11.50 5.83 -11.40
CA ARG A 63 -11.14 6.68 -12.55
C ARG A 63 -10.30 5.85 -13.54
N LEU A 64 -10.94 4.82 -14.12
CA LEU A 64 -10.17 3.80 -14.84
C LEU A 64 -9.56 4.35 -16.12
N ARG A 65 -10.28 5.17 -16.84
CA ARG A 65 -9.78 5.78 -18.08
C ARG A 65 -8.54 6.60 -17.76
N LEU A 66 -8.59 7.37 -16.68
CA LEU A 66 -7.42 8.20 -16.28
C LEU A 66 -6.25 7.32 -15.84
N ILE A 67 -6.58 6.22 -15.13
CA ILE A 67 -5.52 5.34 -14.62
C ILE A 67 -4.82 4.65 -15.81
N GLN A 68 -5.56 4.27 -16.82
CA GLN A 68 -4.98 3.62 -17.99
C GLN A 68 -3.91 4.53 -18.66
N ARG A 69 -4.15 5.83 -18.69
CA ARG A 69 -3.17 6.79 -19.22
C ARG A 69 -1.85 6.69 -18.40
N ILE A 70 -1.94 6.48 -17.09
CA ILE A 70 -0.80 6.32 -16.22
C ILE A 70 -0.11 4.97 -16.55
N THR A 71 -0.88 3.89 -16.56
CA THR A 71 -0.30 2.54 -16.64
C THR A 71 0.35 2.36 -18.02
N ASP A 72 -0.09 3.13 -19.00
CA ASP A 72 0.56 3.08 -20.33
C ASP A 72 2.05 3.48 -20.22
N ARG A 73 2.41 4.23 -19.16
CA ARG A 73 3.79 4.69 -18.99
C ARG A 73 4.61 3.64 -18.22
N LEU A 74 4.04 2.51 -17.80
CA LEU A 74 4.84 1.45 -17.18
C LEU A 74 5.71 0.78 -18.25
N PRO A 75 6.76 0.10 -17.80
CA PRO A 75 7.64 -0.45 -18.78
C PRO A 75 6.96 -1.51 -19.64
N ALA A 76 5.95 -2.20 -19.15
CA ALA A 76 5.23 -3.15 -20.02
C ALA A 76 3.73 -3.06 -19.78
N LYS A 77 2.99 -3.53 -20.77
CA LYS A 77 1.51 -3.62 -20.76
C LYS A 77 1.09 -4.61 -19.70
N ALA A 78 0.01 -4.30 -19.07
CA ALA A 78 -0.50 -5.15 -18.07
C ALA A 78 -1.99 -4.88 -18.00
N PRO A 79 -2.78 -5.91 -17.72
CA PRO A 79 -4.21 -5.68 -17.75
C PRO A 79 -4.61 -4.89 -16.51
N LEU A 80 -5.62 -4.05 -16.67
CA LEU A 80 -6.07 -3.23 -15.55
C LEU A 80 -7.48 -3.66 -15.23
N LEU A 81 -7.69 -4.20 -14.06
CA LEU A 81 -9.00 -4.62 -13.66
C LEU A 81 -9.58 -3.58 -12.69
N GLU A 82 -10.90 -3.52 -12.65
CA GLU A 82 -11.58 -2.63 -11.77
C GLU A 82 -11.77 -3.28 -10.40
N LEU A 83 -11.41 -2.56 -9.34
CA LEU A 83 -11.63 -2.99 -7.96
C LEU A 83 -11.85 -1.78 -7.06
N ASP A 84 -13.11 -1.63 -6.64
CA ASP A 84 -13.47 -0.83 -5.52
C ASP A 84 -13.57 -1.76 -4.33
N VAL A 85 -12.70 -1.58 -3.35
CA VAL A 85 -12.67 -2.52 -2.22
C VAL A 85 -13.91 -2.39 -1.35
N GLN A 86 -14.78 -1.39 -1.55
CA GLN A 86 -16.02 -1.37 -0.77
C GLN A 86 -17.14 -2.04 -1.55
N ASN A 87 -16.84 -2.52 -2.75
CA ASN A 87 -17.89 -3.09 -3.58
C ASN A 87 -17.89 -4.63 -3.45
N GLU A 88 -18.92 -5.20 -2.88
CA GLU A 88 -18.91 -6.60 -2.60
C GLU A 88 -18.90 -7.42 -3.90
N GLU A 89 -19.54 -6.93 -4.97
CA GLU A 89 -19.57 -7.68 -6.20
C GLU A 89 -18.16 -7.70 -6.80
N HIS A 90 -17.44 -6.61 -6.75
CA HIS A 90 -16.11 -6.58 -7.35
C HIS A 90 -15.16 -7.58 -6.64
N LEU A 91 -15.23 -7.62 -5.32
CA LEU A 91 -14.51 -8.59 -4.49
C LEU A 91 -14.93 -10.04 -4.84
N ALA A 92 -16.21 -10.30 -5.05
CA ALA A 92 -16.68 -11.66 -5.29
C ALA A 92 -16.27 -12.14 -6.68
N SER A 93 -16.06 -11.24 -7.62
CA SER A 93 -15.76 -11.61 -8.97
C SER A 93 -14.25 -11.49 -9.19
N LEU A 94 -13.49 -10.94 -8.23
CA LEU A 94 -12.08 -10.59 -8.50
C LEU A 94 -11.21 -11.80 -8.93
N ALA A 95 -11.33 -12.92 -8.23
CA ALA A 95 -10.47 -14.08 -8.48
C ALA A 95 -10.69 -14.56 -9.91
N GLY A 96 -11.95 -14.70 -10.28
CA GLY A 96 -12.28 -15.15 -11.61
C GLY A 96 -11.75 -14.22 -12.67
N ARG A 97 -11.86 -12.91 -12.41
CA ARG A 97 -11.35 -11.87 -13.37
C ARG A 97 -9.83 -11.96 -13.49
N VAL A 98 -9.14 -12.13 -12.35
CA VAL A 98 -7.70 -12.29 -12.41
C VAL A 98 -7.35 -13.56 -13.20
N THR A 99 -8.03 -14.69 -12.93
CA THR A 99 -7.67 -15.94 -13.53
C THR A 99 -7.85 -15.84 -15.06
N GLU A 100 -8.92 -15.19 -15.43
CA GLU A 100 -9.15 -14.92 -16.82
C GLU A 100 -8.01 -14.06 -17.38
N ALA A 101 -7.49 -13.08 -16.66
CA ALA A 101 -6.37 -12.31 -17.24
C ALA A 101 -5.10 -13.17 -17.33
N ILE A 102 -4.80 -14.02 -16.34
CA ILE A 102 -3.47 -14.67 -16.28
C ILE A 102 -3.52 -16.06 -16.93
N GLY A 103 -4.71 -16.54 -17.28
CA GLY A 103 -4.86 -17.84 -17.88
C GLY A 103 -5.24 -18.89 -16.85
N ALA A 104 -6.25 -19.66 -17.21
CA ALA A 104 -6.66 -20.80 -16.40
C ALA A 104 -5.44 -21.70 -16.10
N GLY A 105 -5.42 -22.26 -14.90
CA GLY A 105 -4.29 -23.09 -14.55
C GLY A 105 -3.12 -22.28 -13.98
N ASN A 106 -3.11 -20.95 -14.10
CA ASN A 106 -2.07 -20.13 -13.49
C ASN A 106 -2.63 -19.46 -12.26
N LYS A 107 -1.77 -19.28 -11.27
CA LYS A 107 -2.10 -18.55 -10.06
C LYS A 107 -1.11 -17.39 -9.83
N LEU A 108 -1.50 -16.51 -8.91
CA LEU A 108 -0.68 -15.41 -8.43
C LEU A 108 0.38 -15.92 -7.46
N ASP A 109 1.54 -15.29 -7.52
CA ASP A 109 2.55 -15.40 -6.48
C ASP A 109 2.60 -14.19 -5.55
N GLY A 110 2.05 -13.07 -5.97
CA GLY A 110 2.11 -11.88 -5.11
C GLY A 110 0.88 -11.01 -5.23
N VAL A 111 0.59 -10.33 -4.14
CA VAL A 111 -0.52 -9.35 -4.07
C VAL A 111 -0.03 -8.12 -3.32
N VAL A 112 -0.23 -6.95 -3.91
CA VAL A 112 0.12 -5.67 -3.28
C VAL A 112 -1.16 -4.86 -3.07
N HIS A 113 -1.43 -4.59 -1.82
CA HIS A 113 -2.40 -3.66 -1.39
C HIS A 113 -1.67 -2.33 -1.15
N SER A 114 -1.96 -1.38 -2.00
CA SER A 114 -1.41 -0.02 -1.88
C SER A 114 -2.56 1.00 -1.96
N ILE A 115 -3.43 0.96 -0.95
CA ILE A 115 -4.75 1.56 -0.99
C ILE A 115 -5.00 2.26 0.35
N GLY A 116 -5.52 3.47 0.26
CA GLY A 116 -5.93 4.18 1.46
C GLY A 116 -6.94 5.26 1.13
N PHE A 117 -7.77 5.61 2.13
CA PHE A 117 -8.67 6.74 2.02
C PHE A 117 -9.20 7.06 3.41
N MET A 118 -9.36 8.33 3.66
CA MET A 118 -10.01 8.82 4.84
C MET A 118 -10.73 10.09 4.41
N PRO A 119 -12.05 10.15 4.62
CA PRO A 119 -12.75 11.37 4.30
C PRO A 119 -12.02 12.55 4.97
N GLN A 120 -12.12 13.70 4.34
CA GLN A 120 -11.42 14.93 4.72
C GLN A 120 -11.73 15.31 6.18
N THR A 121 -12.91 14.96 6.73
CA THR A 121 -13.21 15.29 8.14
C THR A 121 -12.27 14.53 9.09
N GLY A 122 -11.65 13.45 8.62
CA GLY A 122 -10.85 12.58 9.54
C GLY A 122 -9.35 12.82 9.46
N MET A 123 -8.91 13.77 8.64
CA MET A 123 -7.46 14.04 8.36
C MET A 123 -7.27 15.53 8.08
N GLY A 124 -6.16 16.13 8.52
CA GLY A 124 -5.82 17.45 8.10
C GLY A 124 -6.10 18.42 9.23
N ILE A 125 -6.74 19.52 8.90
CA ILE A 125 -6.94 20.58 9.85
C ILE A 125 -8.26 20.34 10.59
N ASN A 126 -9.10 19.45 10.12
CA ASN A 126 -10.42 19.26 10.76
C ASN A 126 -10.18 18.72 12.18
N PRO A 127 -10.74 19.34 13.24
CA PRO A 127 -10.50 18.74 14.59
C PRO A 127 -10.81 17.22 14.69
N PHE A 128 -9.95 16.53 15.43
CA PHE A 128 -10.05 15.10 15.64
C PHE A 128 -11.47 14.70 16.10
N PHE A 129 -11.99 15.41 17.08
CA PHE A 129 -13.30 15.02 17.65
C PHE A 129 -14.47 15.32 16.68
N ASP A 130 -14.25 16.01 15.58
CA ASP A 130 -15.36 16.43 14.70
C ASP A 130 -15.56 15.49 13.56
N ALA A 131 -14.78 14.42 13.46
CA ALA A 131 -15.04 13.44 12.42
C ALA A 131 -16.20 12.51 12.84
N PRO A 132 -17.31 12.54 12.11
CA PRO A 132 -18.40 11.62 12.45
C PRO A 132 -17.99 10.16 12.21
N TYR A 133 -18.61 9.22 12.93
CA TYR A 133 -18.17 7.85 12.77
C TYR A 133 -18.41 7.35 11.32
N ALA A 134 -19.46 7.78 10.68
CA ALA A 134 -19.72 7.31 9.34
C ALA A 134 -18.47 7.59 8.49
N ASP A 135 -17.83 8.74 8.67
CA ASP A 135 -16.61 9.05 7.86
C ASP A 135 -15.45 8.15 8.33
N VAL A 136 -15.23 8.08 9.64
CA VAL A 136 -14.17 7.24 10.14
C VAL A 136 -14.35 5.81 9.61
N SER A 137 -15.58 5.30 9.69
CA SER A 137 -15.89 3.92 9.30
C SER A 137 -15.54 3.71 7.82
N LYS A 138 -15.88 4.65 6.93
CA LYS A 138 -15.49 4.51 5.55
C LYS A 138 -13.96 4.40 5.39
N GLY A 139 -13.21 5.25 6.11
CA GLY A 139 -11.74 5.25 6.01
C GLY A 139 -11.13 3.94 6.48
N ILE A 140 -11.70 3.39 7.55
CA ILE A 140 -11.21 2.11 8.07
C ILE A 140 -11.60 0.97 7.10
N HIS A 141 -12.75 1.06 6.45
CA HIS A 141 -13.13 0.05 5.49
C HIS A 141 -12.07 -0.05 4.38
N ILE A 142 -11.79 1.10 3.79
CA ILE A 142 -10.91 1.16 2.62
C ILE A 142 -9.45 0.94 3.04
N SER A 143 -9.06 1.42 4.22
CA SER A 143 -7.61 1.52 4.53
C SER A 143 -7.11 0.30 5.31
N ALA A 144 -8.03 -0.38 6.03
CA ALA A 144 -7.69 -1.48 6.95
C ALA A 144 -8.43 -2.77 6.59
N TYR A 145 -9.76 -2.76 6.64
CA TYR A 145 -10.54 -4.01 6.44
C TYR A 145 -10.28 -4.61 5.06
N SER A 146 -10.12 -3.75 4.05
CA SER A 146 -9.84 -4.19 2.67
C SER A 146 -8.57 -5.06 2.57
N TYR A 147 -7.66 -4.96 3.53
CA TYR A 147 -6.49 -5.80 3.45
C TYR A 147 -6.94 -7.26 3.65
N ALA A 148 -7.82 -7.46 4.64
CA ALA A 148 -8.45 -8.75 4.84
C ALA A 148 -9.30 -9.12 3.63
N SER A 149 -10.12 -8.21 3.13
CA SER A 149 -11.02 -8.73 2.12
C SER A 149 -10.29 -9.01 0.80
N MET A 150 -9.19 -8.33 0.50
CA MET A 150 -8.39 -8.70 -0.68
C MET A 150 -7.74 -10.07 -0.47
N ALA A 151 -7.21 -10.29 0.74
CA ALA A 151 -6.61 -11.57 1.00
C ALA A 151 -7.65 -12.68 0.88
N LYS A 152 -8.83 -12.45 1.40
CA LYS A 152 -9.89 -13.48 1.35
C LYS A 152 -10.22 -13.83 -0.11
N ALA A 153 -10.31 -12.83 -0.98
CA ALA A 153 -10.64 -13.02 -2.39
C ALA A 153 -9.51 -13.73 -3.12
N LEU A 154 -8.25 -13.44 -2.76
CA LEU A 154 -7.10 -13.80 -3.64
C LEU A 154 -6.31 -15.01 -3.13
N LEU A 155 -6.26 -15.29 -1.83
CA LEU A 155 -5.56 -16.48 -1.38
C LEU A 155 -5.97 -17.75 -2.12
N PRO A 156 -7.27 -17.92 -2.46
CA PRO A 156 -7.66 -19.09 -3.18
C PRO A 156 -7.02 -19.18 -4.58
N ILE A 157 -6.50 -18.11 -5.14
CA ILE A 157 -5.72 -18.25 -6.40
C ILE A 157 -4.24 -17.83 -6.20
N MET A 158 -3.66 -18.13 -5.05
CA MET A 158 -2.24 -17.88 -4.81
C MET A 158 -1.47 -19.21 -4.65
N ASN A 159 -0.28 -19.24 -5.22
CA ASN A 159 0.62 -20.35 -5.13
C ASN A 159 1.26 -20.40 -3.74
N PRO A 160 1.59 -21.59 -3.24
CA PRO A 160 2.47 -21.69 -2.08
C PRO A 160 3.79 -20.95 -2.35
N GLY A 161 4.41 -20.35 -1.35
CA GLY A 161 5.62 -19.52 -1.58
C GLY A 161 5.27 -18.08 -1.88
N GLY A 162 3.97 -17.79 -1.91
CA GLY A 162 3.50 -16.47 -2.33
C GLY A 162 3.60 -15.43 -1.21
N SER A 163 3.25 -14.19 -1.53
CA SER A 163 3.50 -13.03 -0.66
C SER A 163 2.41 -11.97 -0.83
N ILE A 164 1.80 -11.54 0.27
CA ILE A 164 0.89 -10.41 0.27
C ILE A 164 1.57 -9.28 1.05
N VAL A 165 1.62 -8.11 0.45
CA VAL A 165 2.24 -6.92 1.03
C VAL A 165 1.21 -5.79 0.98
N GLY A 166 1.07 -5.11 2.11
CA GLY A 166 0.34 -3.83 2.22
C GLY A 166 1.25 -2.69 2.64
N MET A 167 0.73 -1.47 2.50
CA MET A 167 1.48 -0.26 2.81
C MET A 167 0.95 0.37 4.10
N ASP A 168 1.92 0.78 4.92
CA ASP A 168 1.66 1.24 6.28
C ASP A 168 2.37 2.57 6.47
N PHE A 169 1.87 3.40 7.39
CA PHE A 169 2.68 4.52 7.92
C PHE A 169 2.67 4.41 9.44
N ASP A 170 3.85 4.33 10.03
CA ASP A 170 4.00 3.94 11.43
C ASP A 170 3.06 4.77 12.35
N PRO A 171 2.08 4.10 12.97
CA PRO A 171 1.03 4.74 13.76
C PRO A 171 1.18 4.46 15.26
N SER A 172 2.40 4.04 15.63
CA SER A 172 2.80 3.70 16.99
CA SER A 172 2.66 3.66 17.01
C SER A 172 2.62 4.90 17.93
N ARG A 173 2.79 6.11 17.38
CA ARG A 173 2.68 7.36 18.14
CA ARG A 173 2.61 7.32 18.18
C ARG A 173 1.71 8.30 17.41
N ALA A 174 1.01 9.12 18.18
CA ALA A 174 0.17 10.15 17.55
C ALA A 174 1.05 11.25 16.95
N MET A 175 0.45 12.09 16.10
CA MET A 175 1.13 13.12 15.35
C MET A 175 0.10 14.12 14.84
N PRO A 176 0.51 15.28 14.38
CA PRO A 176 -0.40 16.24 13.82
C PRO A 176 -0.97 15.73 12.49
N ALA A 177 -2.22 16.13 12.27
CA ALA A 177 -2.90 16.02 10.97
C ALA A 177 -3.33 14.59 10.57
N TYR A 178 -2.49 13.61 10.75
CA TYR A 178 -2.79 12.28 10.18
C TYR A 178 -4.04 11.69 10.86
N ASN A 179 -4.24 12.01 12.12
CA ASN A 179 -5.56 11.92 12.81
C ASN A 179 -6.13 10.52 12.64
N TRP A 180 -7.31 10.41 12.00
CA TRP A 180 -8.02 9.14 12.00
C TRP A 180 -7.34 8.16 11.03
N MET A 181 -6.52 8.64 10.09
CA MET A 181 -5.78 7.71 9.26
CA MET A 181 -5.80 7.69 9.26
C MET A 181 -4.79 6.95 10.13
N THR A 182 -4.26 7.62 11.17
CA THR A 182 -3.38 6.96 12.12
C THR A 182 -4.08 5.76 12.76
N VAL A 183 -5.34 5.97 13.14
CA VAL A 183 -6.17 4.98 13.74
C VAL A 183 -6.42 3.82 12.75
N ALA A 184 -6.61 4.14 11.47
CA ALA A 184 -6.82 3.15 10.43
C ALA A 184 -5.55 2.31 10.22
N LYS A 185 -4.39 2.94 10.30
CA LYS A 185 -3.14 2.24 10.14
C LYS A 185 -2.88 1.31 11.33
N SER A 186 -3.22 1.76 12.54
CA SER A 186 -3.11 0.90 13.74
C SER A 186 -4.00 -0.30 13.53
N ALA A 187 -5.20 -0.12 13.01
CA ALA A 187 -6.07 -1.27 12.73
C ALA A 187 -5.49 -2.17 11.63
N LEU A 188 -4.87 -1.55 10.63
CA LEU A 188 -4.29 -2.29 9.51
C LEU A 188 -3.20 -3.21 10.03
N GLU A 189 -2.33 -2.71 10.91
CA GLU A 189 -1.23 -3.54 11.45
C GLU A 189 -1.81 -4.79 12.16
N SER A 190 -2.93 -4.58 12.86
CA SER A 190 -3.55 -5.63 13.59
C SER A 190 -4.17 -6.62 12.59
N VAL A 191 -4.87 -6.08 11.60
CA VAL A 191 -5.44 -6.93 10.55
C VAL A 191 -4.34 -7.81 9.90
N ASN A 192 -3.22 -7.23 9.56
CA ASN A 192 -2.11 -7.95 8.89
C ASN A 192 -1.70 -9.18 9.70
N ARG A 193 -1.67 -9.06 11.03
CA ARG A 193 -1.24 -10.15 11.91
C ARG A 193 -2.23 -11.31 11.83
N PHE A 194 -3.54 -11.01 11.66
CA PHE A 194 -4.56 -12.01 11.45
C PHE A 194 -4.56 -12.55 10.02
N VAL A 195 -4.33 -11.72 9.03
CA VAL A 195 -4.25 -12.21 7.64
C VAL A 195 -3.09 -13.21 7.52
N ALA A 196 -2.03 -13.00 8.29
CA ALA A 196 -0.88 -13.91 8.22
C ALA A 196 -1.28 -15.32 8.66
N ARG A 197 -2.17 -15.43 9.67
CA ARG A 197 -2.60 -16.73 10.20
C ARG A 197 -3.36 -17.49 9.12
N GLU A 198 -4.19 -16.76 8.37
CA GLU A 198 -4.97 -17.35 7.27
C GLU A 198 -4.05 -17.69 6.08
N ALA A 199 -3.19 -16.76 5.73
CA ALA A 199 -2.28 -16.89 4.57
C ALA A 199 -1.33 -18.07 4.75
N GLY A 200 -0.89 -18.31 5.99
CA GLY A 200 0.02 -19.35 6.24
C GLY A 200 -0.57 -20.71 5.89
N LYS A 201 -1.91 -20.84 5.88
CA LYS A 201 -2.56 -22.10 5.51
C LYS A 201 -2.32 -22.42 4.04
N TYR A 202 -1.97 -21.43 3.23
CA TYR A 202 -1.74 -21.55 1.79
C TYR A 202 -0.24 -21.48 1.45
N GLY A 203 0.61 -21.44 2.45
CA GLY A 203 2.06 -21.27 2.23
C GLY A 203 2.38 -19.85 1.85
N VAL A 204 1.60 -18.90 2.33
CA VAL A 204 1.71 -17.50 1.87
C VAL A 204 2.06 -16.61 3.07
N ARG A 205 2.98 -15.68 2.82
CA ARG A 205 3.38 -14.65 3.80
C ARG A 205 2.49 -13.42 3.64
N SER A 206 2.27 -12.71 4.74
CA SER A 206 1.57 -11.39 4.72
C SER A 206 2.40 -10.38 5.50
N ASN A 207 2.71 -9.22 4.93
CA ASN A 207 3.52 -8.24 5.66
C ASN A 207 3.15 -6.84 5.15
N LEU A 208 3.49 -5.84 5.97
CA LEU A 208 3.40 -4.44 5.62
C LEU A 208 4.77 -3.83 5.46
N VAL A 209 4.87 -2.84 4.55
CA VAL A 209 5.99 -1.94 4.49
C VAL A 209 5.52 -0.57 4.99
N ALA A 210 6.15 -0.18 6.08
CA ALA A 210 5.99 1.13 6.69
C ALA A 210 6.99 2.08 6.04
N ALA A 211 6.47 2.92 5.16
CA ALA A 211 7.28 3.86 4.40
C ALA A 211 7.35 5.21 5.13
N GLY A 212 8.47 5.85 4.93
CA GLY A 212 8.61 7.27 5.19
C GLY A 212 7.79 8.11 4.19
N PRO A 213 7.75 9.41 4.38
CA PRO A 213 6.85 10.22 3.54
C PRO A 213 7.38 10.42 2.11
N ILE A 214 6.48 10.19 1.15
CA ILE A 214 6.74 10.27 -0.29
C ILE A 214 5.67 11.18 -0.90
N ARG A 215 6.07 12.10 -1.77
CA ARG A 215 5.13 13.10 -2.31
C ARG A 215 4.25 12.47 -3.38
N THR A 216 3.14 11.93 -2.93
CA THR A 216 2.12 11.31 -3.80
C THR A 216 0.89 12.22 -3.88
N LEU A 217 -0.09 11.89 -4.69
CA LEU A 217 -1.34 12.60 -4.64
C LEU A 217 -1.87 12.67 -3.19
N ALA A 218 -1.86 11.54 -2.50
CA ALA A 218 -2.37 11.45 -1.11
C ALA A 218 -1.56 12.37 -0.19
N MET A 219 -0.25 12.33 -0.27
CA MET A 219 0.53 13.14 0.66
C MET A 219 0.30 14.63 0.35
N SER A 220 0.30 14.97 -0.93
CA SER A 220 0.04 16.33 -1.38
C SER A 220 -1.31 16.84 -0.88
N ALA A 221 -2.31 15.97 -0.88
CA ALA A 221 -3.63 16.34 -0.44
C ALA A 221 -3.54 16.76 1.04
N ILE A 222 -2.85 15.99 1.86
CA ILE A 222 -2.77 16.27 3.31
C ILE A 222 -2.00 17.58 3.53
N VAL A 223 -0.83 17.67 2.90
CA VAL A 223 0.02 18.84 3.04
C VAL A 223 -0.70 20.08 2.50
N GLY A 224 -1.24 19.94 1.31
CA GLY A 224 -1.87 21.07 0.68
C GLY A 224 -3.07 21.57 1.44
N GLY A 225 -3.83 20.65 1.99
CA GLY A 225 -5.06 21.01 2.71
C GLY A 225 -4.75 21.69 4.02
N ALA A 226 -3.50 21.55 4.49
CA ALA A 226 -3.08 22.22 5.75
C ALA A 226 -2.23 23.49 5.47
N LEU A 227 -1.93 23.86 4.21
CA LEU A 227 -1.08 25.05 3.99
C LEU A 227 -1.77 26.29 4.59
N GLY A 228 -0.94 27.06 5.30
CA GLY A 228 -1.38 28.31 5.85
C GLY A 228 -2.02 28.13 7.21
N GLU A 229 -2.10 26.93 7.72
CA GLU A 229 -2.77 26.66 9.02
C GLU A 229 -1.77 26.11 10.03
N GLU A 230 -2.18 26.02 11.28
CA GLU A 230 -1.27 25.58 12.32
C GLU A 230 -0.72 24.20 12.00
N ALA A 231 -1.57 23.32 11.45
CA ALA A 231 -1.20 21.95 11.21
C ALA A 231 -0.12 21.91 10.12
N GLY A 232 -0.15 22.89 9.26
CA GLY A 232 0.83 22.94 8.17
C GLY A 232 2.23 23.27 8.68
N ALA A 233 2.28 24.13 9.69
CA ALA A 233 3.55 24.40 10.39
C ALA A 233 4.10 23.09 10.99
N GLN A 234 3.22 22.25 11.55
CA GLN A 234 3.65 21.00 12.20
C GLN A 234 4.05 19.97 11.15
N ILE A 235 3.32 19.92 10.03
CA ILE A 235 3.73 19.03 8.96
C ILE A 235 5.09 19.44 8.42
N GLN A 236 5.36 20.72 8.32
CA GLN A 236 6.65 21.18 7.91
C GLN A 236 7.72 20.56 8.82
N LEU A 237 7.44 20.51 10.12
CA LEU A 237 8.44 20.00 11.07
C LEU A 237 8.64 18.49 10.85
N LEU A 238 7.55 17.82 10.53
CA LEU A 238 7.62 16.40 10.29
C LEU A 238 8.50 16.15 9.06
N GLU A 239 8.22 16.87 7.99
CA GLU A 239 9.01 16.78 6.75
C GLU A 239 10.48 17.09 7.00
N GLU A 240 10.80 18.15 7.72
CA GLU A 240 12.18 18.48 7.97
C GLU A 240 12.86 17.35 8.78
N GLY A 241 12.16 16.85 9.79
CA GLY A 241 12.75 15.97 10.81
C GLY A 241 13.05 14.58 10.26
N TRP A 242 12.37 14.14 9.21
CA TRP A 242 12.49 12.76 8.75
C TRP A 242 13.89 12.49 8.22
N ASP A 243 14.34 13.35 7.34
CA ASP A 243 15.66 13.24 6.74
C ASP A 243 16.71 13.48 7.81
N GLN A 244 16.41 14.33 8.79
CA GLN A 244 17.39 14.69 9.82
C GLN A 244 17.65 13.44 10.68
N ARG A 245 16.56 12.83 11.13
CA ARG A 245 16.62 11.64 12.06
C ARG A 245 17.12 10.38 11.33
N ALA A 246 16.74 10.22 10.08
CA ALA A 246 17.17 9.06 9.27
C ALA A 246 18.68 9.02 9.12
N PRO A 247 19.33 7.94 9.60
CA PRO A 247 20.80 7.92 9.58
C PRO A 247 21.38 7.90 8.16
N ILE A 248 20.59 7.40 7.21
CA ILE A 248 21.00 7.39 5.81
C ILE A 248 20.27 8.45 4.99
N GLY A 249 19.53 9.32 5.67
CA GLY A 249 18.76 10.36 4.95
C GLY A 249 17.39 9.88 4.47
N TRP A 250 16.63 10.83 3.95
CA TRP A 250 15.33 10.55 3.39
C TRP A 250 14.97 11.63 2.36
N ASN A 251 14.68 11.14 1.16
CA ASN A 251 14.34 11.92 -0.01
C ASN A 251 12.85 11.71 -0.30
N MET A 252 12.02 12.73 -0.15
CA MET A 252 10.54 12.53 -0.22
C MET A 252 10.05 12.51 -1.68
N LYS A 253 10.92 12.77 -2.64
CA LYS A 253 10.52 12.70 -4.02
C LYS A 253 10.45 11.23 -4.48
N ASP A 254 11.38 10.47 -3.96
CA ASP A 254 11.84 9.20 -4.55
C ASP A 254 11.16 7.93 -3.94
N ALA A 255 10.13 7.39 -4.60
CA ALA A 255 9.45 6.17 -4.10
C ALA A 255 10.27 4.89 -4.34
N THR A 256 11.32 4.94 -5.16
CA THR A 256 12.08 3.76 -5.55
C THR A 256 12.49 2.91 -4.35
N PRO A 257 13.05 3.51 -3.28
CA PRO A 257 13.52 2.71 -2.15
C PRO A 257 12.40 1.93 -1.47
N VAL A 258 11.24 2.55 -1.44
CA VAL A 258 10.07 1.88 -0.90
C VAL A 258 9.65 0.74 -1.84
N ALA A 259 9.64 1.00 -3.14
CA ALA A 259 9.19 0.04 -4.09
C ALA A 259 10.11 -1.17 -4.05
N LYS A 260 11.41 -0.89 -3.98
CA LYS A 260 12.39 -1.99 -3.86
C LYS A 260 12.11 -2.89 -2.65
N THR A 261 11.81 -2.31 -1.50
CA THR A 261 11.51 -3.05 -0.26
C THR A 261 10.29 -3.96 -0.49
N VAL A 262 9.26 -3.42 -1.12
CA VAL A 262 8.08 -4.23 -1.39
C VAL A 262 8.50 -5.43 -2.25
N CYS A 263 9.29 -5.15 -3.28
CA CYS A 263 9.78 -6.21 -4.14
C CYS A 263 10.59 -7.24 -3.34
N ALA A 264 11.36 -6.78 -2.36
CA ALA A 264 12.11 -7.73 -1.53
C ALA A 264 11.14 -8.70 -0.85
N LEU A 265 10.03 -8.21 -0.31
CA LEU A 265 9.07 -9.07 0.38
C LEU A 265 8.29 -9.95 -0.62
N LEU A 266 8.10 -9.46 -1.83
CA LEU A 266 7.47 -10.28 -2.86
C LEU A 266 8.42 -11.38 -3.35
N SER A 267 9.72 -11.22 -3.12
CA SER A 267 10.73 -12.18 -3.56
C SER A 267 10.75 -13.39 -2.63
N ASP A 268 11.69 -14.27 -2.89
CA ASP A 268 11.93 -15.43 -2.02
C ASP A 268 13.03 -15.12 -0.98
N TRP A 269 13.42 -13.87 -0.78
CA TRP A 269 14.60 -13.58 0.03
C TRP A 269 14.24 -13.19 1.47
N LEU A 270 12.96 -13.08 1.80
CA LEU A 270 12.53 -12.90 3.23
C LEU A 270 11.54 -14.03 3.59
N PRO A 271 12.01 -15.29 3.47
CA PRO A 271 11.09 -16.43 3.51
C PRO A 271 10.56 -16.80 4.90
N ALA A 272 11.07 -16.17 5.95
CA ALA A 272 10.64 -16.51 7.34
C ALA A 272 10.04 -15.29 8.04
N THR A 273 9.58 -14.34 7.26
CA THR A 273 8.99 -13.11 7.79
C THR A 273 7.49 -13.07 7.43
N THR A 274 6.65 -13.00 8.45
CA THR A 274 5.20 -12.90 8.17
C THR A 274 4.48 -12.31 9.38
N GLY A 275 3.32 -11.72 9.12
CA GLY A 275 2.58 -10.96 10.10
C GLY A 275 3.33 -9.75 10.57
N ASP A 276 4.27 -9.25 9.76
CA ASP A 276 5.29 -8.35 10.31
C ASP A 276 5.25 -7.02 9.52
N ILE A 277 6.15 -6.13 9.92
CA ILE A 277 6.28 -4.81 9.35
C ILE A 277 7.78 -4.57 9.07
N ILE A 278 8.11 -4.24 7.82
CA ILE A 278 9.43 -3.80 7.41
C ILE A 278 9.35 -2.28 7.19
N TYR A 279 10.29 -1.56 7.77
CA TYR A 279 10.28 -0.13 7.77
C TYR A 279 11.23 0.33 6.65
N ALA A 280 10.62 0.94 5.63
CA ALA A 280 11.37 1.58 4.54
C ALA A 280 11.27 3.11 4.73
N ASP A 281 11.99 3.61 5.72
CA ASP A 281 11.85 4.97 6.18
C ASP A 281 13.20 5.65 6.50
N GLY A 282 14.27 5.14 5.94
CA GLY A 282 15.58 5.73 6.13
C GLY A 282 16.13 5.45 7.53
N GLY A 283 15.43 4.61 8.28
CA GLY A 283 15.74 4.28 9.69
C GLY A 283 15.20 5.30 10.66
N ALA A 284 14.40 6.24 10.18
CA ALA A 284 13.91 7.34 11.07
C ALA A 284 13.24 6.85 12.36
N HIS A 285 12.42 5.81 12.26
CA HIS A 285 11.62 5.34 13.40
C HIS A 285 12.52 4.77 14.52
N THR A 286 13.80 4.55 14.24
CA THR A 286 14.74 3.97 15.20
C THR A 286 15.52 5.06 15.95
N GLN A 287 15.22 6.32 15.66
CA GLN A 287 15.98 7.44 16.17
C GLN A 287 15.01 8.46 16.75
N LEU A 288 15.25 8.85 17.98
CA LEU A 288 14.39 9.86 18.62
C LEU A 288 14.66 11.21 18.00
N LEU A 289 15.93 11.52 17.79
CA LEU A 289 16.30 12.58 16.89
C LEU A 289 17.77 12.42 16.52
#